data_3I9G
#
_entry.id   3I9G
#
_cell.length_a   66.052
_cell.length_b   70.889
_cell.length_c   138.719
_cell.angle_alpha   90.000
_cell.angle_beta   90.000
_cell.angle_gamma   90.000
#
_symmetry.space_group_name_H-M   'P 21 21 21'
#
loop_
_entity.id
_entity.type
_entity.pdbx_description
1 polymer 'Sonepcizumab antibody Fab fragment, heavy chain'
2 polymer 'Sonepcizumab antibody Fab fragment, light chain'
3 non-polymer 'CALCIUM ION'
4 non-polymer 'MAGNESIUM ION'
5 non-polymer '(2S,3R,4E)-2-amino-3-hydroxyoctadec-4-en-1-yl dihydrogen phosphate'
6 water water
#
loop_
_entity_poly.entity_id
_entity_poly.type
_entity_poly.pdbx_seq_one_letter_code
_entity_poly.pdbx_strand_id
1 'polypeptide(L)'
;EVQLVQSGAEVKKPGESLKISCQSFGYIFIDHTIHWMRQMPGQGLEWMGAISPRHDITKYNEMFRGQVTISADKSSSTAY
LQWSSLKASDTAMYFCARGGFYGSTIWFDFWGQGTMVTVSSASTKGPSVFPLAPSSKSTSGGTAALGCLVKDYFPEPVTV
SWNSGALTSGVHTFPAVLQSSGLYSLSSVVTVPSSSLGTQTYICNVNHKPSNTKVDKRVEPK
;
H
2 'polypeptide(L)'
;ETTVTQSPSFLSASVGDRVTITCITTTDIDDDMNWFQQEPGKAPKLLISEGNILRPGVPSRFSSSGYGTDFTLTISKLQP
EDFATYYCLQSDNLPFTFGQGTKLEIKRTVAAPSVFIFPPSDEQLKSGTASVVCLLNNFYPREAKVQWKVDNALQSGNSQ
ESVTEQDSKDSTYSLSSTLTLSKADYEKHKVYACEVTHQGLSSPVTKSFNRGE
;
L
#
# COMPACT_ATOMS: atom_id res chain seq x y z
N GLU A 1 -23.77 -1.90 -17.61
CA GLU A 1 -22.73 -1.00 -18.18
C GLU A 1 -21.41 -1.75 -18.34
N VAL A 2 -20.37 -1.02 -18.73
CA VAL A 2 -19.07 -1.58 -19.04
C VAL A 2 -18.43 -2.11 -17.76
N GLN A 3 -18.06 -3.38 -17.77
CA GLN A 3 -17.25 -3.94 -16.69
C GLN A 3 -16.16 -4.79 -17.26
N LEU A 4 -14.95 -4.62 -16.70
CA LEU A 4 -13.81 -5.48 -16.99
C LEU A 4 -13.55 -6.29 -15.72
N VAL A 5 -13.61 -7.61 -15.82
CA VAL A 5 -13.46 -8.46 -14.63
C VAL A 5 -12.22 -9.33 -14.71
N GLN A 6 -11.33 -9.14 -13.74
CA GLN A 6 -10.09 -9.86 -13.71
C GLN A 6 -10.15 -11.10 -12.81
N SER A 7 -9.25 -12.03 -13.08
CA SER A 7 -9.13 -13.28 -12.34
C SER A 7 -8.47 -13.01 -10.99
N GLY A 8 -8.55 -13.99 -10.08
CA GLY A 8 -8.14 -13.81 -8.68
C GLY A 8 -6.65 -13.77 -8.41
N ALA A 9 -6.28 -13.41 -7.17
CA ALA A 9 -4.88 -13.26 -6.77
C ALA A 9 -4.11 -14.54 -7.03
N GLU A 10 -2.84 -14.40 -7.37
CA GLU A 10 -2.00 -15.55 -7.67
C GLU A 10 -0.77 -15.53 -6.80
N VAL A 11 -0.38 -16.71 -6.34
CA VAL A 11 0.86 -16.86 -5.61
C VAL A 11 1.66 -17.99 -6.26
N LYS A 12 2.89 -17.68 -6.65
CA LYS A 12 3.70 -18.57 -7.47
C LYS A 12 5.14 -18.57 -7.02
N LYS A 13 5.88 -19.58 -7.47
CA LYS A 13 7.32 -19.68 -7.26
C LYS A 13 8.08 -19.19 -8.49
N PRO A 14 9.30 -18.67 -8.31
CA PRO A 14 10.11 -18.31 -9.47
C PRO A 14 10.29 -19.50 -10.40
N GLY A 15 10.22 -19.23 -11.70
CA GLY A 15 10.32 -20.26 -12.73
C GLY A 15 9.01 -20.85 -13.19
N GLU A 16 7.93 -20.63 -12.44
CA GLU A 16 6.62 -21.19 -12.79
C GLU A 16 5.95 -20.34 -13.86
N SER A 17 4.98 -20.90 -14.56
CA SER A 17 4.27 -20.17 -15.61
C SER A 17 2.94 -19.69 -15.06
N LEU A 18 2.34 -18.71 -15.72
CA LEU A 18 1.11 -18.11 -15.23
C LEU A 18 0.35 -17.39 -16.34
N LYS A 19 -0.96 -17.56 -16.35
CA LYS A 19 -1.82 -16.84 -17.24
C LYS A 19 -2.96 -16.25 -16.41
N ILE A 20 -3.08 -14.93 -16.48
CA ILE A 20 -4.19 -14.25 -15.85
C ILE A 20 -5.12 -13.72 -16.93
N SER A 21 -6.34 -13.35 -16.54
CA SER A 21 -7.36 -13.00 -17.51
C SER A 21 -8.18 -11.78 -17.11
N CYS A 22 -8.87 -11.22 -18.11
CA CYS A 22 -9.70 -10.05 -18.00
C CYS A 22 -10.89 -10.25 -18.94
N GLN A 23 -12.07 -10.38 -18.37
CA GLN A 23 -13.27 -10.59 -19.17
C GLN A 23 -14.16 -9.36 -19.21
N SER A 24 -14.55 -8.97 -20.43
CA SER A 24 -15.32 -7.76 -20.67
C SER A 24 -16.81 -8.05 -20.77
N PHE A 25 -17.60 -7.16 -20.17
CA PHE A 25 -19.07 -7.22 -20.21
C PHE A 25 -19.60 -5.83 -20.57
N GLY A 26 -20.77 -5.79 -21.21
CA GLY A 26 -21.52 -4.56 -21.41
C GLY A 26 -21.15 -3.71 -22.61
N TYR A 27 -20.34 -4.25 -23.51
CA TYR A 27 -19.96 -3.54 -24.73
C TYR A 27 -19.47 -4.57 -25.75
N ILE A 28 -19.21 -4.14 -26.99
CA ILE A 28 -18.74 -5.02 -28.03
C ILE A 28 -17.22 -5.11 -27.95
N PHE A 29 -16.73 -6.29 -27.59
CA PHE A 29 -15.30 -6.57 -27.33
C PHE A 29 -14.39 -6.16 -28.51
N ILE A 30 -14.80 -6.53 -29.73
CA ILE A 30 -14.01 -6.25 -30.92
C ILE A 30 -14.01 -4.77 -31.36
N ASP A 31 -14.83 -3.95 -30.72
CA ASP A 31 -14.82 -2.49 -30.97
C ASP A 31 -13.72 -1.71 -30.25
N HIS A 32 -12.95 -2.37 -29.40
CA HIS A 32 -11.90 -1.70 -28.60
C HIS A 32 -10.61 -2.50 -28.51
N THR A 33 -9.58 -1.92 -27.88
CA THR A 33 -8.35 -2.66 -27.57
C THR A 33 -8.25 -2.87 -26.04
N ILE A 34 -7.52 -3.89 -25.62
CA ILE A 34 -7.34 -4.16 -24.19
C ILE A 34 -5.86 -4.05 -23.90
N HIS A 35 -5.52 -3.32 -22.82
CA HIS A 35 -4.15 -2.98 -22.53
C HIS A 35 -3.83 -3.53 -21.15
N TRP A 36 -2.57 -3.88 -20.89
CA TRP A 36 -2.17 -4.39 -19.59
C TRP A 36 -1.19 -3.44 -18.94
N MET A 37 -1.45 -3.08 -17.68
CA MET A 37 -0.62 -2.20 -16.87
C MET A 37 -0.02 -2.98 -15.70
N ARG A 38 1.24 -2.68 -15.36
CA ARG A 38 1.89 -3.24 -14.16
C ARG A 38 1.99 -2.13 -13.13
N GLN A 39 1.75 -2.44 -11.86
CA GLN A 39 2.04 -1.50 -10.77
C GLN A 39 2.76 -2.29 -9.67
N MET A 40 4.09 -2.14 -9.64
CA MET A 40 4.89 -2.79 -8.60
C MET A 40 4.59 -2.17 -7.25
N PRO A 41 4.77 -2.97 -6.15
CA PRO A 41 4.39 -2.48 -4.82
C PRO A 41 5.01 -1.12 -4.50
N GLY A 42 4.15 -0.17 -4.15
CA GLY A 42 4.57 1.18 -3.81
C GLY A 42 5.00 2.05 -4.99
N GLN A 43 4.87 1.54 -6.21
CA GLN A 43 5.34 2.27 -7.40
C GLN A 43 4.18 2.74 -8.26
N GLY A 44 4.53 3.38 -9.37
CA GLY A 44 3.56 3.94 -10.31
C GLY A 44 3.13 2.92 -11.34
N LEU A 45 2.59 3.41 -12.45
CA LEU A 45 2.00 2.56 -13.50
C LEU A 45 2.91 2.44 -14.72
N GLU A 46 2.95 1.24 -15.31
CA GLU A 46 3.72 0.97 -16.52
C GLU A 46 2.83 0.29 -17.55
N TRP A 47 2.82 0.79 -18.78
CA TRP A 47 2.06 0.15 -19.85
C TRP A 47 2.89 -1.02 -20.44
N MET A 48 2.32 -2.23 -20.41
CA MET A 48 3.05 -3.42 -20.85
C MET A 48 2.83 -3.73 -22.33
N GLY A 49 1.60 -3.54 -22.79
CA GLY A 49 1.24 -3.93 -24.18
C GLY A 49 -0.26 -3.94 -24.34
N ALA A 50 -0.72 -4.24 -25.55
CA ALA A 50 -2.13 -4.19 -25.88
C ALA A 50 -2.44 -5.19 -26.98
N ILE A 51 -3.72 -5.49 -27.12
CA ILE A 51 -4.24 -6.38 -28.18
C ILE A 51 -5.50 -5.82 -28.75
N SER A 52 -5.66 -5.93 -30.08
CA SER A 52 -6.94 -5.78 -30.75
C SER A 52 -7.50 -7.17 -31.02
N PRO A 53 -8.54 -7.58 -30.25
CA PRO A 53 -9.17 -8.87 -30.56
C PRO A 53 -9.77 -8.96 -31.99
N ARG A 54 -10.28 -7.84 -32.52
CA ARG A 54 -10.83 -7.79 -33.89
C ARG A 54 -9.77 -8.18 -34.93
N HIS A 55 -8.56 -7.63 -34.81
CA HIS A 55 -7.51 -7.83 -35.82
C HIS A 55 -6.43 -8.84 -35.46
N ASP A 56 -6.50 -9.39 -34.25
CA ASP A 56 -5.48 -10.27 -33.68
C ASP A 56 -4.10 -9.67 -33.80
N ILE A 57 -4.00 -8.40 -33.43
CA ILE A 57 -2.73 -7.67 -33.46
C ILE A 57 -2.35 -7.25 -32.03
N THR A 58 -1.09 -7.49 -31.66
CA THR A 58 -0.58 -7.13 -30.34
C THR A 58 0.53 -6.11 -30.49
N LYS A 59 0.65 -5.25 -29.50
CA LYS A 59 1.75 -4.31 -29.43
C LYS A 59 2.35 -4.45 -28.03
N TYR A 60 3.68 -4.41 -27.93
CA TYR A 60 4.34 -4.52 -26.62
C TYR A 60 5.28 -3.36 -26.36
N ASN A 61 5.39 -2.98 -25.10
CA ASN A 61 6.45 -2.11 -24.64
C ASN A 61 7.75 -2.92 -24.77
N GLU A 62 8.76 -2.31 -25.39
CA GLU A 62 10.07 -2.95 -25.60
C GLU A 62 10.62 -3.59 -24.31
N MET A 63 10.39 -2.94 -23.16
CA MET A 63 10.90 -3.52 -21.91
C MET A 63 10.19 -4.81 -21.49
N PHE A 64 9.01 -5.08 -22.06
CA PHE A 64 8.28 -6.32 -21.73
C PHE A 64 8.25 -7.35 -22.85
N ARG A 65 8.65 -6.96 -24.05
CA ARG A 65 8.63 -7.89 -25.18
C ARG A 65 9.56 -9.08 -24.91
N GLY A 66 9.07 -10.29 -25.14
CA GLY A 66 9.85 -11.49 -24.84
C GLY A 66 9.69 -12.04 -23.42
N GLN A 67 9.04 -11.27 -22.55
CA GLN A 67 8.81 -11.66 -21.16
C GLN A 67 7.39 -12.13 -20.96
N VAL A 68 6.47 -11.55 -21.74
CA VAL A 68 5.05 -11.84 -21.62
C VAL A 68 4.38 -12.02 -22.99
N THR A 69 3.23 -12.66 -22.98
CA THR A 69 2.39 -12.77 -24.15
C THR A 69 0.99 -12.33 -23.82
N ILE A 70 0.44 -11.49 -24.68
CA ILE A 70 -0.92 -11.03 -24.56
C ILE A 70 -1.71 -11.73 -25.65
N SER A 71 -2.91 -12.19 -25.29
CA SER A 71 -3.76 -12.91 -26.24
C SER A 71 -5.22 -12.61 -25.89
N ALA A 72 -6.16 -13.07 -26.72
CA ALA A 72 -7.59 -12.83 -26.51
C ALA A 72 -8.41 -13.99 -27.04
N ASP A 73 -9.59 -14.18 -26.47
CA ASP A 73 -10.56 -15.15 -26.97
C ASP A 73 -11.84 -14.37 -27.24
N LYS A 74 -12.16 -14.17 -28.52
CA LYS A 74 -13.36 -13.44 -28.92
C LYS A 74 -14.64 -14.08 -28.43
N SER A 75 -14.69 -15.41 -28.37
CA SER A 75 -15.91 -16.12 -28.00
C SER A 75 -16.40 -15.80 -26.59
N SER A 76 -15.45 -15.65 -25.65
CA SER A 76 -15.78 -15.32 -24.25
C SER A 76 -15.50 -13.85 -23.88
N SER A 77 -15.11 -13.04 -24.87
CA SER A 77 -14.70 -11.65 -24.65
C SER A 77 -13.64 -11.52 -23.56
N THR A 78 -12.60 -12.36 -23.64
CA THR A 78 -11.57 -12.41 -22.60
C THR A 78 -10.20 -12.08 -23.19
N ALA A 79 -9.44 -11.23 -22.50
CA ALA A 79 -8.04 -10.98 -22.80
C ALA A 79 -7.15 -11.65 -21.74
N TYR A 80 -5.92 -12.01 -22.10
CA TYR A 80 -5.03 -12.76 -21.21
C TYR A 80 -3.65 -12.14 -21.23
N LEU A 81 -2.94 -12.30 -20.12
CA LEU A 81 -1.54 -11.92 -20.00
C LEU A 81 -0.82 -13.13 -19.42
N GLN A 82 0.27 -13.54 -20.05
CA GLN A 82 0.94 -14.75 -19.59
C GLN A 82 2.45 -14.66 -19.57
N TRP A 83 3.02 -15.35 -18.59
CA TRP A 83 4.46 -15.50 -18.45
C TRP A 83 4.75 -16.99 -18.55
N SER A 84 5.87 -17.34 -19.17
CA SER A 84 6.22 -18.75 -19.21
C SER A 84 7.17 -19.09 -18.06
N SER A 85 7.88 -18.09 -17.55
CA SER A 85 8.80 -18.28 -16.43
C SER A 85 8.89 -17.05 -15.52
N LEU A 86 8.11 -17.07 -14.45
CA LEU A 86 8.02 -15.94 -13.50
C LEU A 86 9.30 -15.69 -12.72
N LYS A 87 9.52 -14.43 -12.37
CA LYS A 87 10.62 -14.03 -11.52
C LYS A 87 10.05 -13.31 -10.28
N ALA A 88 10.83 -13.26 -9.20
CA ALA A 88 10.38 -12.58 -7.96
C ALA A 88 9.99 -11.13 -8.26
N SER A 89 10.72 -10.53 -9.18
CA SER A 89 10.52 -9.13 -9.55
C SER A 89 9.23 -8.88 -10.35
N ASP A 90 8.54 -9.94 -10.74
CA ASP A 90 7.20 -9.86 -11.36
C ASP A 90 6.10 -9.65 -10.34
N THR A 91 6.46 -9.68 -9.04
CA THR A 91 5.52 -9.37 -7.98
C THR A 91 4.98 -7.95 -8.17
N ALA A 92 3.68 -7.84 -8.39
CA ALA A 92 3.02 -6.57 -8.70
C ALA A 92 1.52 -6.77 -8.79
N MET A 93 0.80 -5.66 -8.85
CA MET A 93 -0.59 -5.64 -9.23
C MET A 93 -0.64 -5.48 -10.75
N TYR A 94 -1.53 -6.23 -11.40
CA TYR A 94 -1.71 -6.14 -12.86
C TYR A 94 -3.11 -5.70 -13.17
N PHE A 95 -3.23 -4.67 -14.01
CA PHE A 95 -4.52 -4.14 -14.41
C PHE A 95 -4.73 -4.30 -15.91
N CYS A 96 -5.95 -4.62 -16.32
CA CYS A 96 -6.36 -4.46 -17.71
C CYS A 96 -7.17 -3.16 -17.82
N ALA A 97 -7.14 -2.51 -18.98
CA ALA A 97 -7.93 -1.31 -19.22
C ALA A 97 -8.32 -1.22 -20.70
N ARG A 98 -9.44 -0.57 -20.99
CA ARG A 98 -9.94 -0.45 -22.38
C ARG A 98 -9.36 0.78 -23.11
N GLY A 99 -9.06 0.62 -24.40
CA GLY A 99 -8.66 1.75 -25.25
C GLY A 99 -9.17 1.64 -26.68
N GLY A 100 -8.60 2.46 -27.56
CA GLY A 100 -9.00 2.50 -28.97
C GLY A 100 -7.85 2.08 -29.89
N PHE A 101 -7.80 2.72 -31.06
CA PHE A 101 -6.87 2.35 -32.13
C PHE A 101 -6.05 3.57 -32.55
N TYR A 102 -5.27 3.46 -33.63
CA TYR A 102 -4.57 4.65 -34.15
C TYR A 102 -5.59 5.68 -34.59
N GLY A 103 -5.51 6.90 -34.03
CA GLY A 103 -6.54 7.89 -34.22
C GLY A 103 -7.53 8.12 -33.09
N SER A 104 -7.66 7.17 -32.17
CA SER A 104 -8.58 7.30 -31.04
C SER A 104 -8.02 8.28 -29.98
N THR A 105 -8.92 8.89 -29.22
CA THR A 105 -8.53 10.01 -28.34
C THR A 105 -8.86 9.76 -26.87
N ILE A 106 -9.40 8.57 -26.57
CA ILE A 106 -9.80 8.22 -25.19
C ILE A 106 -9.09 6.94 -24.83
N TRP A 107 -8.35 6.96 -23.71
CA TRP A 107 -7.50 5.84 -23.31
C TRP A 107 -7.74 5.48 -21.84
N PHE A 108 -8.05 4.21 -21.61
CA PHE A 108 -8.17 3.61 -20.27
C PHE A 108 -9.33 4.26 -19.51
N ASP A 109 -10.46 4.32 -20.19
CA ASP A 109 -11.67 4.84 -19.55
C ASP A 109 -12.31 3.85 -18.59
N PHE A 110 -12.21 2.55 -18.87
CA PHE A 110 -12.62 1.50 -17.93
C PHE A 110 -11.46 0.58 -17.64
N TRP A 111 -11.36 0.19 -16.36
CA TRP A 111 -10.28 -0.65 -15.85
C TRP A 111 -10.86 -1.85 -15.14
N GLY A 112 -10.15 -2.99 -15.21
CA GLY A 112 -10.46 -4.11 -14.33
C GLY A 112 -10.03 -3.76 -12.91
N GLN A 113 -10.32 -4.63 -11.96
CA GLN A 113 -10.08 -4.32 -10.56
C GLN A 113 -8.76 -4.67 -9.84
N GLY A 114 -7.98 -5.64 -10.25
CA GLY A 114 -6.85 -5.67 -11.09
C GLY A 114 -6.47 -7.01 -10.39
N THR A 115 -5.30 -7.58 -10.64
CA THR A 115 -4.93 -8.92 -10.15
C THR A 115 -3.57 -8.89 -9.48
N MET A 116 -3.53 -9.27 -8.19
CA MET A 116 -2.26 -9.28 -7.48
C MET A 116 -1.50 -10.59 -7.78
N VAL A 117 -0.24 -10.46 -8.18
CA VAL A 117 0.64 -11.59 -8.41
C VAL A 117 1.83 -11.51 -7.47
N THR A 118 2.01 -12.54 -6.64
CA THR A 118 3.15 -12.63 -5.76
C THR A 118 4.01 -13.78 -6.24
N VAL A 119 5.29 -13.50 -6.43
CA VAL A 119 6.24 -14.52 -6.82
C VAL A 119 7.32 -14.62 -5.75
N SER A 120 7.39 -15.79 -5.12
CA SER A 120 8.34 -16.01 -4.03
C SER A 120 8.74 -17.48 -3.92
N SER A 121 9.97 -17.72 -3.44
CA SER A 121 10.44 -19.07 -3.07
C SER A 121 9.72 -19.61 -1.85
N ALA A 122 9.12 -18.74 -1.05
CA ALA A 122 8.48 -19.13 0.19
C ALA A 122 7.31 -20.05 -0.03
N SER A 123 6.97 -20.84 0.99
CA SER A 123 5.80 -21.72 0.96
C SER A 123 4.78 -21.26 1.98
N THR A 124 3.53 -21.68 1.78
CA THR A 124 2.42 -21.36 2.68
C THR A 124 2.75 -21.72 4.12
N LYS A 125 2.48 -20.77 5.01
CA LYS A 125 2.79 -20.92 6.43
C LYS A 125 1.86 -20.02 7.24
N GLY A 126 1.17 -20.60 8.24
CA GLY A 126 0.32 -19.84 9.15
C GLY A 126 1.13 -19.01 10.15
N PRO A 127 0.54 -17.92 10.68
CA PRO A 127 1.32 -17.13 11.63
C PRO A 127 1.33 -17.69 13.05
N SER A 128 2.33 -17.29 13.83
CA SER A 128 2.26 -17.36 15.28
C SER A 128 1.70 -16.03 15.74
N VAL A 129 0.86 -16.04 16.77
CA VAL A 129 0.25 -14.80 17.26
C VAL A 129 0.77 -14.60 18.69
N PHE A 130 1.48 -13.48 18.91
CA PHE A 130 2.05 -13.16 20.23
C PHE A 130 1.38 -11.92 20.83
N PRO A 131 1.20 -11.88 22.19
CA PRO A 131 0.55 -10.69 22.78
C PRO A 131 1.53 -9.54 22.89
N LEU A 132 1.04 -8.33 22.72
CA LEU A 132 1.76 -7.10 23.01
C LEU A 132 1.02 -6.57 24.23
N ALA A 133 1.54 -6.91 25.40
CA ALA A 133 0.75 -6.77 26.63
C ALA A 133 0.83 -5.35 27.20
N PRO A 134 -0.30 -4.83 27.72
CA PRO A 134 -0.23 -3.50 28.31
C PRO A 134 0.49 -3.53 29.66
N SER A 135 1.21 -2.47 29.97
CA SER A 135 1.93 -2.33 31.23
C SER A 135 2.04 -0.84 31.51
N SER A 136 3.01 -0.44 32.34
CA SER A 136 3.30 0.99 32.57
C SER A 136 4.08 1.63 31.39
N LYS A 137 4.99 0.85 30.80
CA LYS A 137 5.78 1.25 29.62
C LYS A 137 4.90 1.48 28.37
N SER A 138 3.63 1.08 28.51
CA SER A 138 2.61 1.29 27.49
C SER A 138 1.29 1.82 28.11
N THR A 139 1.42 2.87 28.93
CA THR A 139 0.30 3.62 29.51
C THR A 139 0.63 5.12 29.54
N SER A 140 0.28 5.81 28.45
CA SER A 140 0.60 7.25 28.29
C SER A 140 -0.03 8.12 29.40
N GLY A 141 -1.32 8.39 29.31
CA GLY A 141 -2.00 9.15 30.37
C GLY A 141 -2.87 8.20 31.15
N GLY A 142 -4.19 8.38 31.00
CA GLY A 142 -5.14 7.33 31.38
C GLY A 142 -5.40 6.44 30.17
N THR A 143 -4.42 6.38 29.26
CA THR A 143 -4.51 5.57 28.02
C THR A 143 -3.47 4.47 28.02
N ALA A 144 -3.93 3.24 27.82
CA ALA A 144 -3.05 2.09 27.69
C ALA A 144 -3.05 1.63 26.23
N ALA A 145 -1.93 1.06 25.77
CA ALA A 145 -1.89 0.36 24.47
C ALA A 145 -1.65 -1.12 24.65
N LEU A 146 -2.30 -1.89 23.79
CA LEU A 146 -2.08 -3.34 23.73
C LEU A 146 -2.21 -3.81 22.28
N GLY A 147 -1.78 -5.03 22.00
CA GLY A 147 -1.88 -5.55 20.64
C GLY A 147 -1.52 -7.00 20.50
N CYS A 148 -1.43 -7.43 19.24
CA CYS A 148 -0.98 -8.75 18.88
C CYS A 148 0.06 -8.61 17.79
N LEU A 149 1.14 -9.36 17.91
CA LEU A 149 2.14 -9.50 16.87
C LEU A 149 1.83 -10.79 16.06
N VAL A 150 1.56 -10.62 14.77
CA VAL A 150 1.17 -11.74 13.92
C VAL A 150 2.42 -12.02 13.09
N LYS A 151 3.20 -13.02 13.49
CA LYS A 151 4.54 -13.14 12.95
C LYS A 151 4.72 -14.36 12.03
N ASP A 152 5.51 -14.20 10.97
CA ASP A 152 5.99 -15.32 10.13
C ASP A 152 4.93 -16.11 9.37
N TYR A 153 4.20 -15.43 8.49
CA TYR A 153 3.21 -16.08 7.67
C TYR A 153 3.51 -15.81 6.18
N PHE A 154 2.95 -16.66 5.32
CA PHE A 154 3.05 -16.49 3.88
C PHE A 154 1.89 -17.27 3.26
N PRO A 155 1.21 -16.69 2.26
CA PRO A 155 1.39 -15.36 1.70
C PRO A 155 0.46 -14.38 2.40
N GLU A 156 0.44 -13.14 1.93
CA GLU A 156 -0.61 -12.20 2.29
C GLU A 156 -1.97 -12.72 1.80
N PRO A 157 -3.09 -12.27 2.39
CA PRO A 157 -3.25 -11.39 3.54
C PRO A 157 -3.62 -12.14 4.82
N VAL A 158 -3.53 -11.42 5.94
CA VAL A 158 -4.18 -11.83 7.19
C VAL A 158 -5.22 -10.78 7.56
N THR A 159 -6.28 -11.18 8.24
CA THR A 159 -7.19 -10.21 8.82
C THR A 159 -7.16 -10.31 10.34
N VAL A 160 -7.36 -9.16 10.99
CA VAL A 160 -7.41 -9.04 12.44
C VAL A 160 -8.63 -8.24 12.85
N SER A 161 -9.42 -8.78 13.77
CA SER A 161 -10.40 -7.97 14.47
C SER A 161 -10.11 -8.06 15.97
N TRP A 162 -10.81 -7.25 16.74
CA TRP A 162 -10.70 -7.24 18.19
C TRP A 162 -12.05 -7.53 18.82
N ASN A 163 -12.06 -8.46 19.79
CA ASN A 163 -13.29 -8.85 20.49
C ASN A 163 -14.43 -9.15 19.49
N SER A 164 -14.12 -10.00 18.51
CA SER A 164 -15.08 -10.45 17.47
C SER A 164 -15.76 -9.30 16.73
N GLY A 165 -15.07 -8.16 16.62
CA GLY A 165 -15.58 -7.01 15.88
C GLY A 165 -16.29 -5.98 16.73
N ALA A 166 -16.49 -6.29 18.01
CA ALA A 166 -17.09 -5.34 18.95
C ALA A 166 -16.16 -4.16 19.30
N LEU A 167 -14.85 -4.35 19.20
CA LEU A 167 -13.87 -3.29 19.49
C LEU A 167 -13.28 -2.75 18.18
N THR A 168 -13.62 -1.51 17.83
CA THR A 168 -13.16 -0.90 16.60
C THR A 168 -12.46 0.44 16.83
N SER A 169 -12.88 1.17 17.87
CA SER A 169 -12.28 2.47 18.18
C SER A 169 -10.86 2.32 18.66
N GLY A 170 -9.97 3.14 18.09
CA GLY A 170 -8.57 3.19 18.49
C GLY A 170 -7.74 2.02 18.00
N VAL A 171 -8.32 1.18 17.14
CA VAL A 171 -7.59 0.07 16.52
C VAL A 171 -6.71 0.54 15.34
N HIS A 172 -5.45 0.11 15.33
CA HIS A 172 -4.57 0.29 14.18
C HIS A 172 -3.97 -1.05 13.82
N THR A 173 -4.38 -1.58 12.67
CA THR A 173 -3.71 -2.76 12.13
C THR A 173 -2.73 -2.28 11.06
N PHE A 174 -1.46 -2.58 11.28
CA PHE A 174 -0.41 -2.07 10.39
C PHE A 174 -0.27 -2.88 9.12
N PRO A 175 0.11 -2.23 8.00
CA PRO A 175 0.52 -2.99 6.83
C PRO A 175 1.67 -3.94 7.21
N ALA A 176 1.63 -5.16 6.69
CA ALA A 176 2.64 -6.16 6.95
C ALA A 176 3.97 -5.75 6.38
N VAL A 177 5.06 -6.18 7.03
CA VAL A 177 6.41 -6.05 6.45
C VAL A 177 6.91 -7.41 5.98
N LEU A 178 7.75 -7.39 4.94
CA LEU A 178 8.33 -8.61 4.40
C LEU A 178 9.69 -8.73 5.01
N GLN A 179 9.90 -9.79 5.78
CA GLN A 179 11.14 -9.97 6.52
C GLN A 179 12.18 -10.60 5.59
N SER A 180 13.45 -10.57 5.98
CA SER A 180 14.49 -11.18 5.14
C SER A 180 14.30 -12.67 4.92
N SER A 181 13.53 -13.32 5.80
CA SER A 181 13.10 -14.72 5.62
C SER A 181 12.30 -15.06 4.33
N GLY A 182 11.50 -14.17 3.73
CA GLY A 182 10.40 -13.45 4.35
C GLY A 182 9.22 -14.28 3.85
N LEU A 183 8.46 -14.90 4.71
CA LEU A 183 7.73 -14.41 5.83
C LEU A 183 7.40 -12.94 6.11
N TYR A 184 6.11 -12.68 6.06
CA TYR A 184 5.50 -11.43 6.48
C TYR A 184 5.26 -11.42 7.97
N SER A 185 5.14 -10.22 8.52
CA SER A 185 4.81 -10.03 9.90
C SER A 185 4.08 -8.71 10.02
N LEU A 186 3.01 -8.69 10.83
CA LEU A 186 2.35 -7.44 11.16
C LEU A 186 1.96 -7.39 12.63
N SER A 187 1.61 -6.19 13.07
CA SER A 187 1.08 -5.96 14.40
C SER A 187 -0.26 -5.29 14.28
N SER A 188 -1.14 -5.59 15.22
CA SER A 188 -2.39 -4.86 15.36
C SER A 188 -2.46 -4.35 16.80
N VAL A 189 -2.72 -3.06 16.96
CA VAL A 189 -2.72 -2.43 18.27
C VAL A 189 -4.05 -1.71 18.52
N VAL A 190 -4.36 -1.52 19.81
CA VAL A 190 -5.51 -0.72 20.18
C VAL A 190 -5.16 0.09 21.43
N THR A 191 -5.59 1.35 21.48
CA THR A 191 -5.46 2.14 22.70
C THR A 191 -6.80 2.14 23.42
N VAL A 192 -6.74 1.95 24.72
CA VAL A 192 -7.93 1.79 25.58
C VAL A 192 -7.71 2.58 26.87
N PRO A 193 -8.81 2.91 27.60
CA PRO A 193 -8.63 3.52 28.91
C PRO A 193 -7.83 2.61 29.85
N SER A 194 -6.84 3.19 30.53
CA SER A 194 -6.04 2.46 31.50
C SER A 194 -6.91 1.80 32.58
N SER A 195 -8.00 2.46 32.95
CA SER A 195 -8.95 1.88 33.89
C SER A 195 -9.67 0.64 33.33
N SER A 196 -9.22 0.14 32.18
CA SER A 196 -9.85 -0.96 31.43
C SER A 196 -9.88 -2.35 32.08
N LEU A 197 -8.78 -2.93 32.55
CA LEU A 197 -7.54 -3.17 31.83
C LEU A 197 -7.15 -4.64 32.11
N GLY A 198 -7.56 -5.23 33.24
CA GLY A 198 -8.35 -4.62 34.31
C GLY A 198 -9.66 -5.35 34.54
N THR A 199 -10.71 -4.87 33.86
CA THR A 199 -12.05 -5.43 33.97
C THR A 199 -12.64 -5.81 32.60
N GLN A 200 -12.05 -5.30 31.52
CA GLN A 200 -12.48 -5.62 30.16
C GLN A 200 -11.52 -6.62 29.50
N THR A 201 -12.10 -7.63 28.86
CA THR A 201 -11.32 -8.66 28.17
C THR A 201 -10.99 -8.21 26.75
N TYR A 202 -9.72 -8.39 26.36
CA TYR A 202 -9.23 -8.01 25.03
C TYR A 202 -8.70 -9.23 24.28
N ILE A 203 -9.34 -9.53 23.15
CA ILE A 203 -8.97 -10.69 22.33
C ILE A 203 -8.77 -10.24 20.88
N CYS A 204 -7.63 -10.58 20.28
CA CYS A 204 -7.46 -10.36 18.84
C CYS A 204 -7.84 -11.64 18.07
N ASN A 205 -8.65 -11.47 17.04
CA ASN A 205 -9.08 -12.58 16.18
C ASN A 205 -8.32 -12.50 14.88
N VAL A 206 -7.48 -13.50 14.64
CA VAL A 206 -6.56 -13.51 13.50
C VAL A 206 -6.99 -14.60 12.53
N ASN A 207 -7.11 -14.25 11.25
CA ASN A 207 -7.48 -15.20 10.20
C ASN A 207 -6.48 -15.15 9.04
N HIS A 208 -5.77 -16.25 8.81
CA HIS A 208 -4.92 -16.40 7.65
C HIS A 208 -5.54 -17.51 6.79
N LYS A 209 -6.37 -17.12 5.84
CA LYS A 209 -7.11 -18.07 4.99
C LYS A 209 -6.24 -18.98 4.13
N PRO A 210 -5.14 -18.46 3.54
CA PRO A 210 -4.23 -19.33 2.79
C PRO A 210 -3.72 -20.61 3.51
N SER A 211 -3.49 -20.54 4.82
CA SER A 211 -3.04 -21.72 5.57
C SER A 211 -4.17 -22.27 6.44
N ASN A 212 -5.37 -21.72 6.27
CA ASN A 212 -6.52 -22.00 7.12
C ASN A 212 -6.20 -21.91 8.62
N THR A 213 -5.42 -20.89 8.99
CA THR A 213 -5.07 -20.63 10.39
C THR A 213 -5.98 -19.57 10.97
N LYS A 214 -6.69 -19.92 12.05
CA LYS A 214 -7.55 -19.01 12.78
C LYS A 214 -7.20 -19.12 14.26
N VAL A 215 -6.94 -17.97 14.90
CA VAL A 215 -6.46 -17.91 16.28
C VAL A 215 -7.19 -16.79 17.01
N ASP A 216 -7.67 -17.09 18.22
CA ASP A 216 -8.21 -16.06 19.11
C ASP A 216 -7.24 -15.93 20.28
N LYS A 217 -6.56 -14.79 20.38
CA LYS A 217 -5.54 -14.57 21.37
C LYS A 217 -6.01 -13.53 22.38
N ARG A 218 -6.19 -13.99 23.63
CA ARG A 218 -6.45 -13.11 24.77
C ARG A 218 -5.19 -12.34 25.14
N VAL A 219 -5.30 -11.03 25.28
CA VAL A 219 -4.17 -10.19 25.65
C VAL A 219 -4.41 -9.61 27.06
N GLU A 220 -3.56 -9.98 28.00
CA GLU A 220 -3.69 -9.59 29.40
C GLU A 220 -2.53 -8.71 29.84
N PRO A 221 -2.80 -7.75 30.75
CA PRO A 221 -1.80 -6.85 31.35
C PRO A 221 -0.59 -7.55 31.96
N LYS A 222 0.52 -6.80 32.03
CA LYS A 222 1.81 -7.26 32.58
C LYS A 222 2.24 -8.62 32.02
N GLU B 1 11.45 6.21 -25.59
CA GLU B 1 10.07 6.56 -25.14
C GLU B 1 10.03 8.03 -24.70
N THR B 2 8.83 8.60 -24.67
CA THR B 2 8.62 9.95 -24.15
C THR B 2 8.64 9.81 -22.63
N THR B 3 9.49 10.61 -21.98
CA THR B 3 9.56 10.57 -20.51
C THR B 3 8.61 11.63 -20.00
N VAL B 4 7.87 11.30 -18.94
CA VAL B 4 6.90 12.20 -18.34
C VAL B 4 7.38 12.52 -16.91
N THR B 5 7.60 13.80 -16.61
CA THR B 5 8.06 14.26 -15.28
C THR B 5 6.92 14.99 -14.57
N GLN B 6 6.42 14.35 -13.51
CA GLN B 6 5.30 14.87 -12.75
C GLN B 6 5.82 15.51 -11.46
N SER B 7 5.30 16.69 -11.11
CA SER B 7 5.65 17.30 -9.82
C SER B 7 4.53 18.12 -9.21
N PRO B 8 4.52 18.23 -7.86
CA PRO B 8 5.45 17.57 -6.94
C PRO B 8 5.05 16.11 -6.71
N SER B 9 5.93 15.30 -6.13
CA SER B 9 5.57 13.91 -5.82
C SER B 9 4.59 13.80 -4.66
N PHE B 10 4.61 14.80 -3.78
CA PHE B 10 3.82 14.77 -2.56
C PHE B 10 3.39 16.18 -2.26
N LEU B 11 2.14 16.36 -1.86
CA LEU B 11 1.63 17.70 -1.56
C LEU B 11 0.61 17.65 -0.44
N SER B 12 0.78 18.50 0.56
CA SER B 12 -0.22 18.66 1.63
C SER B 12 -1.07 19.87 1.36
N ALA B 13 -2.36 19.74 1.58
CA ALA B 13 -3.29 20.82 1.42
C ALA B 13 -4.46 20.63 2.35
N SER B 14 -5.15 21.72 2.64
CA SER B 14 -6.32 21.64 3.49
C SER B 14 -7.54 21.35 2.66
N VAL B 15 -8.52 20.68 3.25
CA VAL B 15 -9.84 20.58 2.64
C VAL B 15 -10.29 22.00 2.27
N GLY B 16 -10.80 22.16 1.04
CA GLY B 16 -11.21 23.48 0.54
C GLY B 16 -10.17 24.26 -0.25
N ASP B 17 -8.89 23.86 -0.17
CA ASP B 17 -7.79 24.53 -0.87
C ASP B 17 -7.84 24.25 -2.38
N ARG B 18 -7.07 25.02 -3.14
CA ARG B 18 -6.88 24.77 -4.56
C ARG B 18 -5.41 24.42 -4.72
N VAL B 19 -5.12 23.42 -5.55
CA VAL B 19 -3.75 23.02 -5.85
C VAL B 19 -3.55 22.84 -7.36
N THR B 20 -2.31 22.98 -7.81
CA THR B 20 -1.94 22.73 -9.23
C THR B 20 -0.72 21.83 -9.28
N ILE B 21 -0.86 20.75 -10.05
CA ILE B 21 0.16 19.73 -10.28
C ILE B 21 0.58 19.87 -11.73
N THR B 22 1.83 19.56 -12.03
CA THR B 22 2.39 19.77 -13.37
C THR B 22 2.98 18.47 -13.92
N CYS B 23 2.99 18.32 -15.24
CA CYS B 23 3.71 17.26 -15.94
C CYS B 23 4.43 17.87 -17.15
N ILE B 24 5.69 17.48 -17.33
CA ILE B 24 6.52 17.95 -18.42
C ILE B 24 6.95 16.72 -19.22
N THR B 25 6.82 16.79 -20.55
CA THR B 25 7.24 15.66 -21.37
C THR B 25 8.51 15.97 -22.15
N THR B 26 9.32 14.94 -22.45
CA THR B 26 10.55 15.12 -23.19
C THR B 26 10.35 15.26 -24.70
N THR B 27 9.14 15.00 -25.19
CA THR B 27 8.84 15.25 -26.60
C THR B 27 7.52 16.00 -26.66
N ASP B 28 7.29 16.68 -27.79
CA ASP B 28 6.05 17.43 -27.98
C ASP B 28 4.96 16.39 -28.22
N ILE B 29 4.02 16.32 -27.28
CA ILE B 29 2.90 15.38 -27.35
C ILE B 29 1.58 16.05 -27.71
N ASP B 30 1.65 17.24 -28.31
CA ASP B 30 0.48 18.05 -28.63
C ASP B 30 -0.49 18.18 -27.45
N ASP B 31 -1.76 17.79 -27.60
CA ASP B 31 -2.70 17.80 -26.49
C ASP B 31 -2.95 16.43 -25.85
N ASP B 32 -2.06 15.45 -26.05
CA ASP B 32 -2.38 14.07 -25.64
C ASP B 32 -2.02 13.78 -24.18
N MET B 33 -2.49 14.64 -23.27
CA MET B 33 -2.24 14.42 -21.86
C MET B 33 -3.54 13.96 -21.23
N ASN B 34 -3.43 12.99 -20.32
CA ASN B 34 -4.58 12.39 -19.68
C ASN B 34 -4.29 12.35 -18.17
N TRP B 35 -5.32 12.48 -17.36
CA TRP B 35 -5.15 12.50 -15.90
C TRP B 35 -6.01 11.46 -15.21
N PHE B 36 -5.41 10.76 -14.24
CA PHE B 36 -6.04 9.68 -13.49
C PHE B 36 -5.95 9.94 -12.00
N GLN B 37 -6.94 9.43 -11.25
CA GLN B 37 -6.91 9.41 -9.78
C GLN B 37 -6.89 7.96 -9.36
N GLN B 38 -6.07 7.64 -8.35
CA GLN B 38 -6.06 6.30 -7.81
C GLN B 38 -6.06 6.32 -6.29
N GLU B 39 -7.03 5.63 -5.71
CA GLU B 39 -7.07 5.41 -4.26
C GLU B 39 -6.38 4.09 -3.91
N PRO B 40 -5.90 3.94 -2.64
CA PRO B 40 -5.17 2.72 -2.28
C PRO B 40 -6.05 1.46 -2.45
N GLY B 41 -5.47 0.43 -3.05
CA GLY B 41 -6.20 -0.81 -3.31
C GLY B 41 -7.20 -0.80 -4.45
N LYS B 42 -7.31 0.32 -5.18
CA LYS B 42 -8.25 0.43 -6.29
C LYS B 42 -7.56 0.62 -7.65
N ALA B 43 -8.30 0.37 -8.72
CA ALA B 43 -7.83 0.70 -10.06
C ALA B 43 -7.83 2.23 -10.24
N PRO B 44 -6.93 2.74 -11.09
CA PRO B 44 -7.04 4.15 -11.46
C PRO B 44 -8.37 4.52 -12.13
N LYS B 45 -8.72 5.80 -12.03
CA LYS B 45 -9.94 6.30 -12.59
C LYS B 45 -9.61 7.45 -13.53
N LEU B 46 -10.13 7.41 -14.76
CA LEU B 46 -9.84 8.47 -15.71
C LEU B 46 -10.63 9.74 -15.40
N LEU B 47 -9.93 10.86 -15.25
CA LEU B 47 -10.56 12.13 -14.94
C LEU B 47 -10.72 12.97 -16.20
N ILE B 48 -9.64 13.08 -16.96
CA ILE B 48 -9.53 13.99 -18.11
C ILE B 48 -8.77 13.30 -19.23
N SER B 49 -9.33 13.33 -20.45
CA SER B 49 -8.69 12.69 -21.62
C SER B 49 -8.08 13.73 -22.57
N GLU B 50 -7.36 13.28 -23.60
CA GLU B 50 -6.70 14.17 -24.58
C GLU B 50 -7.53 15.39 -24.95
N GLY B 51 -6.89 16.56 -24.94
CA GLY B 51 -7.55 17.82 -25.29
C GLY B 51 -8.29 18.44 -24.12
N ASN B 52 -7.84 18.14 -22.91
CA ASN B 52 -8.45 18.66 -21.68
C ASN B 52 -9.92 18.36 -21.55
N ILE B 53 -10.33 17.15 -21.92
CA ILE B 53 -11.75 16.83 -21.89
C ILE B 53 -12.08 16.12 -20.58
N LEU B 54 -12.92 16.76 -19.78
CA LEU B 54 -13.35 16.19 -18.52
C LEU B 54 -14.27 15.02 -18.81
N ARG B 55 -14.04 13.88 -18.21
CA ARG B 55 -14.91 12.72 -18.46
C ARG B 55 -16.30 12.90 -17.83
N PRO B 56 -17.35 12.29 -18.44
CA PRO B 56 -18.70 12.43 -17.88
C PRO B 56 -18.75 11.98 -16.42
N GLY B 57 -19.43 12.75 -15.58
CA GLY B 57 -19.53 12.42 -14.15
C GLY B 57 -18.37 12.89 -13.26
N VAL B 58 -17.30 13.39 -13.87
CA VAL B 58 -16.18 13.91 -13.08
C VAL B 58 -16.49 15.36 -12.67
N PRO B 59 -16.34 15.68 -11.36
CA PRO B 59 -16.64 17.05 -10.88
C PRO B 59 -15.87 18.16 -11.63
N SER B 60 -16.51 19.29 -11.84
CA SER B 60 -15.90 20.39 -12.58
C SER B 60 -14.83 21.14 -11.76
N ARG B 61 -14.62 20.72 -10.50
CA ARG B 61 -13.49 21.24 -9.73
C ARG B 61 -12.13 20.73 -10.28
N PHE B 62 -12.17 19.69 -11.13
CA PHE B 62 -10.98 19.20 -11.83
C PHE B 62 -10.90 19.92 -13.18
N SER B 63 -9.78 20.57 -13.48
CA SER B 63 -9.55 21.16 -14.79
C SER B 63 -8.09 20.99 -15.16
N SER B 64 -7.78 21.04 -16.45
CA SER B 64 -6.40 20.91 -16.90
C SER B 64 -6.06 21.91 -17.98
N SER B 65 -4.78 22.09 -18.24
CA SER B 65 -4.34 22.93 -19.34
C SER B 65 -3.02 22.42 -19.87
N GLY B 66 -2.65 22.91 -21.05
CA GLY B 66 -1.34 22.65 -21.59
C GLY B 66 -1.36 22.07 -22.98
N TYR B 67 -0.31 22.36 -23.74
CA TYR B 67 -0.16 21.87 -25.12
C TYR B 67 1.32 21.80 -25.43
N GLY B 68 1.79 20.67 -25.92
CA GLY B 68 3.15 20.58 -26.39
C GLY B 68 3.97 19.74 -25.42
N THR B 69 4.69 20.41 -24.52
CA THR B 69 5.50 19.73 -23.51
C THR B 69 5.15 20.05 -22.04
N ASP B 70 4.32 21.06 -21.80
CA ASP B 70 4.03 21.52 -20.41
C ASP B 70 2.56 21.43 -20.12
N PHE B 71 2.21 20.76 -19.03
CA PHE B 71 0.82 20.47 -18.69
C PHE B 71 0.53 20.65 -17.20
N THR B 72 -0.72 20.98 -16.88
CA THR B 72 -1.13 21.11 -15.47
C THR B 72 -2.49 20.49 -15.23
N LEU B 73 -2.72 20.11 -13.98
CA LEU B 73 -4.02 19.77 -13.47
C LEU B 73 -4.24 20.64 -12.24
N THR B 74 -5.39 21.29 -12.19
CA THR B 74 -5.80 22.07 -11.03
C THR B 74 -7.02 21.41 -10.42
N ILE B 75 -6.98 21.20 -9.11
CA ILE B 75 -8.17 20.82 -8.36
C ILE B 75 -8.56 21.98 -7.45
N SER B 76 -9.76 22.50 -7.62
CA SER B 76 -10.27 23.59 -6.78
C SER B 76 -11.11 23.03 -5.67
N LYS B 77 -11.21 23.78 -4.58
CA LYS B 77 -12.09 23.42 -3.50
C LYS B 77 -12.01 21.91 -3.18
N LEU B 78 -10.79 21.48 -2.84
CA LEU B 78 -10.49 20.09 -2.47
C LEU B 78 -11.50 19.52 -1.48
N GLN B 79 -12.06 18.36 -1.83
CA GLN B 79 -12.97 17.63 -0.93
C GLN B 79 -12.22 16.46 -0.32
N PRO B 80 -12.65 15.93 0.86
CA PRO B 80 -11.91 14.82 1.45
C PRO B 80 -11.63 13.63 0.51
N GLU B 81 -12.59 13.28 -0.35
CA GLU B 81 -12.42 12.18 -1.30
C GLU B 81 -11.37 12.48 -2.39
N ASP B 82 -10.95 13.75 -2.52
CA ASP B 82 -9.94 14.14 -3.50
C ASP B 82 -8.50 13.79 -3.08
N PHE B 83 -8.32 13.42 -1.82
CA PHE B 83 -6.96 13.20 -1.32
C PHE B 83 -6.52 11.78 -1.65
N ALA B 84 -5.84 11.64 -2.78
CA ALA B 84 -5.51 10.34 -3.39
C ALA B 84 -4.21 10.55 -4.16
N THR B 85 -3.86 9.61 -5.04
CA THR B 85 -2.67 9.79 -5.86
C THR B 85 -3.14 10.10 -7.28
N TYR B 86 -2.49 11.08 -7.93
CA TYR B 86 -2.83 11.49 -9.30
C TYR B 86 -1.69 11.09 -10.23
N TYR B 87 -2.04 10.62 -11.44
CA TYR B 87 -1.03 10.24 -12.44
C TYR B 87 -1.39 10.93 -13.76
N CYS B 88 -0.39 11.48 -14.43
CA CYS B 88 -0.58 11.92 -15.81
C CYS B 88 -0.17 10.79 -16.76
N LEU B 89 -0.61 10.87 -18.01
CA LEU B 89 -0.31 9.83 -18.98
C LEU B 89 -0.24 10.52 -20.34
N GLN B 90 0.84 10.34 -21.07
CA GLN B 90 0.91 10.74 -22.48
C GLN B 90 0.39 9.59 -23.38
N SER B 91 -0.50 9.95 -24.30
CA SER B 91 -1.05 9.02 -25.29
C SER B 91 -0.81 9.56 -26.68
N ASP B 92 0.38 10.12 -26.90
CA ASP B 92 0.82 10.58 -28.19
C ASP B 92 1.44 9.46 -29.02
N ASN B 93 2.22 8.61 -28.37
CA ASN B 93 3.04 7.65 -29.10
C ASN B 93 3.39 6.46 -28.24
N LEU B 94 3.68 5.32 -28.89
CA LEU B 94 4.06 4.10 -28.14
C LEU B 94 5.53 4.11 -27.77
N PRO B 95 5.86 3.61 -26.55
CA PRO B 95 4.94 3.10 -25.53
C PRO B 95 4.23 4.23 -24.74
N PHE B 96 2.98 4.01 -24.34
CA PHE B 96 2.28 4.88 -23.38
C PHE B 96 3.18 5.00 -22.16
N THR B 97 3.29 6.21 -21.61
CA THR B 97 4.16 6.40 -20.44
C THR B 97 3.45 7.30 -19.48
N PHE B 98 3.62 7.00 -18.18
CA PHE B 98 2.93 7.69 -17.10
C PHE B 98 3.95 8.50 -16.29
N GLY B 99 3.50 9.61 -15.73
CA GLY B 99 4.24 10.34 -14.68
C GLY B 99 4.32 9.48 -13.43
N GLN B 100 5.25 9.84 -12.55
CA GLN B 100 5.52 9.02 -11.35
C GLN B 100 4.47 9.20 -10.24
N GLY B 101 3.55 10.15 -10.41
CA GLY B 101 2.47 10.30 -9.47
C GLY B 101 2.62 11.46 -8.50
N THR B 102 1.49 11.97 -8.04
CA THR B 102 1.43 12.98 -6.97
C THR B 102 0.47 12.52 -5.90
N LYS B 103 0.98 12.29 -4.69
CA LYS B 103 0.11 11.92 -3.59
C LYS B 103 -0.30 13.19 -2.82
N LEU B 104 -1.61 13.40 -2.72
CA LEU B 104 -2.18 14.53 -1.97
C LEU B 104 -2.60 14.07 -0.59
N GLU B 105 -2.10 14.76 0.43
CA GLU B 105 -2.33 14.42 1.81
C GLU B 105 -3.13 15.57 2.49
N ILE B 106 -3.99 15.23 3.45
CA ILE B 106 -4.76 16.26 4.18
C ILE B 106 -3.86 16.92 5.22
N LYS B 107 -3.75 18.24 5.11
CA LYS B 107 -2.99 19.04 6.07
C LYS B 107 -3.82 19.23 7.35
N ARG B 108 -3.19 19.04 8.51
CA ARG B 108 -3.85 19.34 9.77
C ARG B 108 -2.81 19.93 10.73
N THR B 109 -3.21 20.18 11.98
CA THR B 109 -2.26 20.73 12.97
C THR B 109 -1.24 19.70 13.48
N VAL B 110 -0.10 20.19 13.93
CA VAL B 110 0.89 19.28 14.48
C VAL B 110 0.29 18.50 15.68
N ALA B 111 0.57 17.20 15.72
CA ALA B 111 0.18 16.33 16.84
C ALA B 111 1.35 15.44 17.17
N ALA B 112 1.88 15.55 18.38
CA ALA B 112 2.95 14.67 18.86
C ALA B 112 2.44 13.23 19.02
N PRO B 113 3.28 12.22 18.74
CA PRO B 113 2.85 10.83 18.99
C PRO B 113 2.81 10.49 20.48
N SER B 114 1.89 9.61 20.88
CA SER B 114 2.03 8.88 22.14
C SER B 114 2.88 7.67 21.81
N VAL B 115 3.87 7.41 22.66
CA VAL B 115 4.85 6.37 22.38
C VAL B 115 4.73 5.26 23.41
N PHE B 116 4.75 4.03 22.92
CA PHE B 116 4.65 2.85 23.78
C PHE B 116 5.69 1.84 23.35
N ILE B 117 6.24 1.11 24.32
CA ILE B 117 7.20 0.05 24.01
C ILE B 117 6.68 -1.29 24.58
N PHE B 118 6.86 -2.35 23.81
CA PHE B 118 6.45 -3.69 24.19
C PHE B 118 7.64 -4.64 24.19
N PRO B 119 7.97 -5.20 25.39
CA PRO B 119 9.02 -6.22 25.42
C PRO B 119 8.55 -7.46 24.68
N PRO B 120 9.49 -8.34 24.29
CA PRO B 120 9.04 -9.60 23.71
C PRO B 120 8.25 -10.41 24.73
N SER B 121 7.25 -11.13 24.25
CA SER B 121 6.48 -12.05 25.11
C SER B 121 7.27 -13.32 25.48
N ASP B 122 6.92 -13.92 26.61
CA ASP B 122 7.58 -15.16 27.05
C ASP B 122 7.32 -16.30 26.07
N GLU B 123 6.12 -16.34 25.51
CA GLU B 123 5.76 -17.33 24.49
C GLU B 123 6.68 -17.24 23.26
N GLN B 124 6.97 -16.02 22.79
CA GLN B 124 7.88 -15.87 21.66
C GLN B 124 9.31 -16.27 22.03
N LEU B 125 9.75 -15.84 23.22
CA LEU B 125 11.09 -16.19 23.70
C LEU B 125 11.32 -17.72 23.70
N LYS B 126 10.27 -18.48 24.00
CA LYS B 126 10.33 -19.95 23.97
C LYS B 126 10.73 -20.51 22.61
N SER B 127 10.48 -19.76 21.54
CA SER B 127 10.73 -20.25 20.18
C SER B 127 12.10 -19.83 19.63
N GLY B 128 12.85 -19.04 20.39
CA GLY B 128 14.22 -18.70 20.02
C GLY B 128 14.46 -17.32 19.42
N THR B 129 13.39 -16.52 19.33
CA THR B 129 13.47 -15.16 18.78
C THR B 129 12.83 -14.13 19.71
N ALA B 130 13.32 -12.90 19.64
CA ALA B 130 12.76 -11.79 20.44
C ALA B 130 12.40 -10.61 19.54
N SER B 131 11.12 -10.22 19.53
CA SER B 131 10.70 -9.03 18.81
C SER B 131 10.36 -7.95 19.81
N VAL B 132 11.01 -6.79 19.69
CA VAL B 132 10.66 -5.64 20.52
C VAL B 132 9.92 -4.61 19.66
N VAL B 133 8.77 -4.15 20.14
CA VAL B 133 7.92 -3.26 19.33
C VAL B 133 7.77 -1.89 19.99
N CYS B 134 7.91 -0.85 19.17
CA CYS B 134 7.66 0.50 19.60
C CYS B 134 6.55 1.06 18.72
N LEU B 135 5.53 1.62 19.38
CA LEU B 135 4.36 2.18 18.73
C LEU B 135 4.35 3.70 18.90
N LEU B 136 4.21 4.41 17.78
CA LEU B 136 3.95 5.87 17.80
C LEU B 136 2.53 6.05 17.35
N ASN B 137 1.70 6.58 18.22
CA ASN B 137 0.28 6.59 17.95
C ASN B 137 -0.23 8.00 17.64
N ASN B 138 -0.98 8.12 16.55
CA ASN B 138 -1.78 9.30 16.20
C ASN B 138 -0.99 10.62 16.11
N PHE B 139 -0.05 10.67 15.18
CA PHE B 139 0.82 11.83 15.05
C PHE B 139 0.70 12.50 13.67
N TYR B 140 1.18 13.75 13.60
CA TYR B 140 1.18 14.52 12.37
C TYR B 140 2.23 15.64 12.55
N PRO B 141 3.11 15.87 11.55
CA PRO B 141 3.16 15.28 10.21
C PRO B 141 3.72 13.85 10.22
N ARG B 142 3.77 13.24 9.05
CA ARG B 142 4.13 11.84 8.89
C ARG B 142 5.60 11.56 9.23
N GLU B 143 6.48 12.56 9.01
CA GLU B 143 7.92 12.41 9.26
C GLU B 143 8.19 12.18 10.77
N ALA B 144 8.90 11.10 11.06
CA ALA B 144 9.22 10.71 12.44
C ALA B 144 10.50 9.88 12.38
N LYS B 145 11.40 10.09 13.33
CA LYS B 145 12.63 9.29 13.42
C LYS B 145 12.55 8.39 14.64
N VAL B 146 12.74 7.10 14.45
CA VAL B 146 12.74 6.12 15.55
C VAL B 146 14.12 5.47 15.65
N GLN B 147 14.78 5.62 16.79
CA GLN B 147 16.06 4.95 17.01
C GLN B 147 16.02 3.92 18.15
N TRP B 148 16.54 2.73 17.86
CA TRP B 148 16.62 1.66 18.84
C TRP B 148 18.00 1.69 19.46
N LYS B 149 18.04 1.54 20.79
CA LYS B 149 19.29 1.44 21.53
C LYS B 149 19.19 0.26 22.49
N VAL B 150 20.22 -0.59 22.44
CA VAL B 150 20.31 -1.75 23.32
C VAL B 150 21.58 -1.57 24.13
N ASP B 151 21.43 -1.40 25.45
CA ASP B 151 22.57 -1.03 26.30
C ASP B 151 23.40 0.10 25.67
N ASN B 152 22.70 1.14 25.22
CA ASN B 152 23.31 2.34 24.58
C ASN B 152 23.92 2.16 23.19
N ALA B 153 23.82 0.95 22.64
CA ALA B 153 24.33 0.70 21.31
C ALA B 153 23.23 0.96 20.31
N LEU B 154 23.47 1.88 19.38
CA LEU B 154 22.50 2.18 18.32
C LEU B 154 22.33 1.00 17.37
N GLN B 155 21.09 0.56 17.17
CA GLN B 155 20.83 -0.60 16.30
C GLN B 155 20.56 -0.11 14.90
N SER B 156 21.28 -0.66 13.92
CA SER B 156 21.15 -0.23 12.53
C SER B 156 20.98 -1.45 11.63
N GLY B 157 19.89 -1.50 10.86
CA GLY B 157 19.61 -2.61 9.94
C GLY B 157 18.89 -3.80 10.56
N ASN B 158 18.48 -3.59 11.82
CA ASN B 158 17.99 -4.57 12.75
C ASN B 158 16.47 -4.49 12.94
N SER B 159 15.86 -3.49 12.31
CA SER B 159 14.47 -3.15 12.57
C SER B 159 13.72 -2.88 11.28
N GLN B 160 12.39 -3.00 11.36
CA GLN B 160 11.51 -2.69 10.24
C GLN B 160 10.34 -1.86 10.75
N GLU B 161 9.92 -0.89 9.96
CA GLU B 161 8.84 0.04 10.31
C GLU B 161 7.68 -0.16 9.37
N SER B 162 6.48 0.13 9.88
CA SER B 162 5.30 0.16 9.07
C SER B 162 4.45 1.36 9.50
N VAL B 163 3.82 2.03 8.54
CA VAL B 163 3.03 3.24 8.81
C VAL B 163 1.63 3.07 8.25
N THR B 164 0.63 3.44 9.01
CA THR B 164 -0.76 3.41 8.52
C THR B 164 -1.02 4.52 7.50
N GLU B 165 -2.08 4.35 6.72
CA GLU B 165 -2.61 5.43 5.92
C GLU B 165 -3.18 6.49 6.86
N GLN B 166 -3.22 7.72 6.36
CA GLN B 166 -3.75 8.84 7.14
C GLN B 166 -5.17 8.53 7.63
N ASP B 167 -5.42 8.70 8.93
CA ASP B 167 -6.72 8.36 9.52
C ASP B 167 -7.86 9.15 8.89
N SER B 168 -8.94 8.46 8.52
CA SER B 168 -10.07 9.12 7.85
C SER B 168 -10.80 10.10 8.79
N LYS B 169 -10.67 9.91 10.10
CA LYS B 169 -11.32 10.82 11.03
C LYS B 169 -10.45 11.99 11.51
N ASP B 170 -9.23 11.71 11.98
CA ASP B 170 -8.41 12.80 12.54
C ASP B 170 -7.17 13.17 11.69
N SER B 171 -7.01 12.51 10.54
CA SER B 171 -5.93 12.79 9.59
C SER B 171 -4.51 12.55 10.17
N THR B 172 -4.39 11.75 11.22
CA THR B 172 -3.07 11.43 11.78
C THR B 172 -2.56 10.10 11.20
N TYR B 173 -1.32 9.77 11.54
CA TYR B 173 -0.63 8.55 11.17
C TYR B 173 -0.27 7.82 12.45
N SER B 174 -0.09 6.51 12.34
CA SER B 174 0.54 5.74 13.40
C SER B 174 1.64 4.91 12.76
N LEU B 175 2.63 4.52 13.56
CA LEU B 175 3.81 3.84 13.09
C LEU B 175 4.23 2.79 14.10
N SER B 176 4.60 1.62 13.61
CA SER B 176 5.23 0.64 14.47
C SER B 176 6.65 0.35 13.96
N SER B 177 7.56 0.14 14.90
CA SER B 177 8.91 -0.25 14.60
C SER B 177 9.19 -1.52 15.39
N THR B 178 9.65 -2.56 14.71
CA THR B 178 9.95 -3.81 15.33
C THR B 178 11.43 -4.12 15.25
N LEU B 179 12.05 -4.30 16.41
CA LEU B 179 13.46 -4.69 16.51
C LEU B 179 13.53 -6.20 16.74
N THR B 180 14.23 -6.91 15.87
CA THR B 180 14.31 -8.37 15.99
C THR B 180 15.72 -8.81 16.36
N LEU B 181 15.83 -9.57 17.46
CA LEU B 181 17.09 -10.19 17.90
C LEU B 181 16.87 -11.68 18.16
N SER B 182 17.96 -12.45 18.16
CA SER B 182 17.92 -13.84 18.67
C SER B 182 17.61 -13.82 20.18
N LYS B 183 17.00 -14.90 20.68
CA LYS B 183 16.82 -15.06 22.13
C LYS B 183 18.16 -14.90 22.86
N ALA B 184 19.20 -15.53 22.31
CA ALA B 184 20.55 -15.45 22.85
C ALA B 184 21.03 -14.01 22.99
N ASP B 185 20.92 -13.21 21.91
CA ASP B 185 21.33 -11.81 21.99
C ASP B 185 20.46 -10.99 22.94
N TYR B 186 19.15 -11.22 22.89
CA TYR B 186 18.21 -10.52 23.78
C TYR B 186 18.58 -10.69 25.26
N GLU B 187 18.92 -11.92 25.63
CA GLU B 187 19.22 -12.25 27.02
C GLU B 187 20.60 -11.82 27.55
N LYS B 188 21.47 -11.35 26.65
CA LYS B 188 22.77 -10.84 27.10
C LYS B 188 22.78 -9.32 27.28
N HIS B 189 21.61 -8.69 27.17
CA HIS B 189 21.50 -7.25 27.32
C HIS B 189 20.38 -6.87 28.26
N LYS B 190 20.45 -5.67 28.81
CA LYS B 190 19.52 -5.22 29.84
C LYS B 190 18.57 -4.11 29.40
N VAL B 191 19.12 -2.98 28.95
CA VAL B 191 18.29 -1.81 28.63
C VAL B 191 17.89 -1.76 27.16
N TYR B 192 16.59 -1.81 26.92
CA TYR B 192 16.00 -1.68 25.56
C TYR B 192 15.23 -0.38 25.47
N ALA B 193 15.66 0.50 24.56
CA ALA B 193 15.10 1.85 24.42
C ALA B 193 14.69 2.17 22.99
N CYS B 194 13.54 2.82 22.84
CA CYS B 194 13.07 3.36 21.58
C CYS B 194 13.08 4.88 21.76
N GLU B 195 13.87 5.58 20.95
CA GLU B 195 13.92 7.05 20.96
C GLU B 195 13.25 7.69 19.74
N VAL B 196 12.30 8.59 19.98
CA VAL B 196 11.45 9.16 18.95
C VAL B 196 11.67 10.66 18.82
N THR B 197 11.94 11.09 17.60
CA THR B 197 12.09 12.50 17.24
C THR B 197 10.96 12.85 16.28
N HIS B 198 10.28 13.96 16.57
CA HIS B 198 9.11 14.38 15.80
C HIS B 198 8.90 15.87 16.04
N GLN B 199 8.38 16.57 15.03
CA GLN B 199 8.25 18.04 15.07
C GLN B 199 7.22 18.53 16.09
N GLY B 200 6.38 17.61 16.57
CA GLY B 200 5.42 17.90 17.62
C GLY B 200 5.98 17.78 19.04
N LEU B 201 7.23 17.33 19.14
CA LEU B 201 7.94 17.18 20.42
C LEU B 201 9.10 18.21 20.51
N SER B 202 9.18 18.93 21.64
CA SER B 202 10.25 19.92 21.84
C SER B 202 11.63 19.27 21.97
N SER B 203 11.66 18.07 22.57
CA SER B 203 12.85 17.22 22.49
C SER B 203 12.44 15.74 22.30
N PRO B 204 13.40 14.89 21.85
CA PRO B 204 13.13 13.45 21.68
C PRO B 204 12.54 12.78 22.92
N VAL B 205 11.64 11.84 22.69
CA VAL B 205 11.03 11.03 23.74
C VAL B 205 11.61 9.63 23.71
N THR B 206 12.02 9.14 24.87
CA THR B 206 12.56 7.79 24.99
C THR B 206 11.62 6.95 25.84
N LYS B 207 11.26 5.79 25.30
CA LYS B 207 10.59 4.76 26.06
C LYS B 207 11.52 3.57 26.20
N SER B 208 11.69 3.07 27.43
CA SER B 208 12.58 1.94 27.65
C SER B 208 12.10 0.96 28.69
N PHE B 209 12.75 -0.20 28.74
CA PHE B 209 12.55 -1.18 29.81
C PHE B 209 13.86 -1.91 30.06
N ASN B 210 14.01 -2.48 31.26
CA ASN B 210 15.12 -3.42 31.51
C ASN B 210 14.58 -4.82 31.41
N ARG B 211 15.30 -5.68 30.69
CA ARG B 211 14.91 -7.06 30.56
C ARG B 211 14.81 -7.69 31.94
N GLY B 212 13.77 -8.49 32.14
CA GLY B 212 13.50 -9.11 33.44
C GLY B 212 12.44 -8.33 34.18
N GLU B 213 12.78 -7.09 34.53
CA GLU B 213 11.88 -6.17 35.24
C GLU B 213 10.63 -5.82 34.44
#